data_4B0S
#
_entry.id   4B0S
#
_cell.length_a   65.360
_cell.length_b   70.410
_cell.length_c   93.520
_cell.angle_alpha   90.00
_cell.angle_beta   90.00
_cell.angle_gamma   90.00
#
_symmetry.space_group_name_H-M   'P 21 21 21'
#
loop_
_entity.id
_entity.type
_entity.pdbx_description
1 polymer 'DEAMIDASE-DEPUPYLASE DOP'
2 non-polymer "ADENOSINE-5'-TRIPHOSPHATE"
3 non-polymer 'MAGNESIUM ION'
4 water water
#
_entity_poly.entity_id   1
_entity_poly.type   'polypeptide(L)'
_entity_poly.pdbx_seq_one_letter_code
;MHRVMGIETEYGISVPHQPNANAMAASSQVVNAYAPIGAPAQRQARWDFEEENPLRDARGFEVAREAADPSQLTDEDLGL
ANVILTNGARLYVDHAHPEYSTPEVTNPRDAVLWDKAGERIMAEAARRAADLPMGWTIQLYKNNTDNKGASYGCHENYLM
NRSTPFADIVRHLIPFFVTRQVFCGAGRVGIGADGRGEGFQLSQRADFFEVEVGLETTLKRPIINTRDEPHADPEKYRRL
HVIIGDANMSEIATYLKLGTTALVLAMIEDGFLSQDFSVESPVGALRAVSHDPTLRYQLRLHDGRRLTAVQLQMEYLEQA
RKYVEDRFGTDVDDMTRDVLDRWETTLVRLADDPMQLSRDLDWVAKLSILEGYRQRENLPWSAHKLQLVDLQYHDVRPDR
GLYNRLVARGRMNLLVDEAAVRTAMHEPPNDTRAYFRGRCLAKFGAEIAAASWDSVIFDLPGRDSLQRVPTLEPLRGTRA
HVGDLLDRCRSATELVAALTGHHHHH
;
_entity_poly.pdbx_strand_id   A
#
# COMPACT_ATOMS: atom_id res chain seq x y z
N MET A 1 9.62 -11.62 9.50
CA MET A 1 10.28 -11.69 8.21
C MET A 1 10.96 -10.36 7.86
N HIS A 2 11.86 -10.39 6.88
CA HIS A 2 12.57 -9.19 6.48
C HIS A 2 12.57 -8.94 4.97
N ARG A 3 11.93 -7.86 4.56
CA ARG A 3 11.97 -7.38 3.19
C ARG A 3 11.84 -5.87 3.24
N VAL A 4 12.60 -5.15 2.43
CA VAL A 4 12.48 -3.70 2.45
C VAL A 4 11.37 -3.30 1.52
N MET A 5 10.33 -2.73 2.10
CA MET A 5 9.12 -2.42 1.36
C MET A 5 8.54 -1.09 1.83
N GLY A 6 7.59 -0.59 1.04
CA GLY A 6 6.88 0.61 1.40
C GLY A 6 5.56 0.67 0.67
N ILE A 7 4.61 1.41 1.24
CA ILE A 7 3.30 1.54 0.65
C ILE A 7 3.00 3.01 0.43
N GLU A 8 2.89 3.39 -0.83
CA GLU A 8 2.52 4.75 -1.19
C GLU A 8 1.07 4.76 -1.64
N THR A 9 0.21 5.36 -0.83
CA THR A 9 -1.21 5.40 -1.14
C THR A 9 -1.59 6.78 -1.65
N GLU A 10 -2.21 6.82 -2.83
CA GLU A 10 -2.75 8.08 -3.33
C GLU A 10 -4.18 8.18 -2.82
N TYR A 11 -4.41 9.10 -1.91
CA TYR A 11 -5.70 9.20 -1.26
C TYR A 11 -6.71 9.91 -2.14
N GLY A 12 -7.89 9.31 -2.29
CA GLY A 12 -8.97 9.93 -3.01
C GLY A 12 -9.33 11.21 -2.31
N ILE A 13 -9.47 12.28 -3.07
CA ILE A 13 -9.77 13.58 -2.48
C ILE A 13 -10.98 14.21 -3.14
N SER A 14 -11.90 14.70 -2.32
CA SER A 14 -13.08 15.39 -2.81
C SER A 14 -13.36 16.64 -2.00
N VAL A 15 -13.89 17.66 -2.65
CA VAL A 15 -14.31 18.86 -1.96
C VAL A 15 -15.81 19.00 -2.11
N PRO A 16 -16.54 18.83 -1.00
CA PRO A 16 -18.00 18.93 -1.03
C PRO A 16 -18.45 20.33 -1.46
N HIS A 17 -19.36 20.41 -2.42
CA HIS A 17 -19.90 21.69 -2.86
C HIS A 17 -18.82 22.58 -3.43
N GLN A 18 -17.90 21.98 -4.19
CA GLN A 18 -16.79 22.70 -4.78
C GLN A 18 -16.46 22.18 -6.16
N PRO A 19 -17.33 22.46 -7.14
CA PRO A 19 -17.13 22.05 -8.52
C PRO A 19 -15.93 22.80 -9.10
N ASN A 20 -15.72 24.02 -8.61
CA ASN A 20 -14.60 24.86 -9.03
C ASN A 20 -13.26 24.37 -8.53
N ALA A 21 -13.26 23.73 -7.36
CA ALA A 21 -12.03 23.28 -6.72
C ALA A 21 -11.22 22.30 -7.58
N ASN A 22 -9.91 22.52 -7.63
CA ASN A 22 -9.00 21.67 -8.40
C ASN A 22 -8.35 20.60 -7.53
N ALA A 23 -8.30 19.38 -8.03
CA ALA A 23 -7.69 18.27 -7.30
C ALA A 23 -6.27 18.63 -6.86
N MET A 24 -5.47 19.09 -7.81
CA MET A 24 -4.10 19.50 -7.54
C MET A 24 -4.06 20.46 -6.37
N ALA A 25 -5.00 21.41 -6.37
CA ALA A 25 -5.07 22.44 -5.34
C ALA A 25 -5.55 21.89 -4.00
N ALA A 26 -6.66 21.17 -4.02
CA ALA A 26 -7.19 20.55 -2.80
C ALA A 26 -6.20 19.55 -2.25
N SER A 27 -5.56 18.80 -3.15
CA SER A 27 -4.54 17.82 -2.77
C SER A 27 -3.34 18.51 -2.15
N SER A 28 -3.05 19.72 -2.61
CA SER A 28 -1.93 20.48 -2.10
C SER A 28 -2.28 21.14 -0.77
N GLN A 29 -3.50 21.66 -0.68
CA GLN A 29 -3.92 22.36 0.53
C GLN A 29 -3.87 21.46 1.75
N VAL A 30 -4.18 20.18 1.55
CA VAL A 30 -4.14 19.20 2.63
C VAL A 30 -2.70 18.88 2.99
N VAL A 31 -1.86 18.62 1.98
CA VAL A 31 -0.46 18.31 2.22
C VAL A 31 0.25 19.49 2.89
N ASN A 32 -0.18 20.70 2.55
CA ASN A 32 0.38 21.90 3.14
C ASN A 32 -0.16 22.15 4.53
N ALA A 33 -1.37 21.64 4.78
CA ALA A 33 -2.01 21.80 6.08
C ALA A 33 -1.27 21.00 7.16
N TYR A 34 -0.66 19.89 6.75
CA TYR A 34 0.07 19.05 7.69
C TYR A 34 1.52 19.51 7.85
N ALA A 35 1.96 20.39 6.96
CA ALA A 35 3.35 20.83 6.91
C ALA A 35 3.88 21.30 8.27
N PRO A 36 3.09 22.12 8.97
CA PRO A 36 3.48 22.64 10.29
C PRO A 36 3.44 21.55 11.36
N ALA A 81 3.92 20.18 -3.94
CA ALA A 81 4.12 20.22 -2.50
C ALA A 81 4.62 18.87 -1.98
N ASN A 82 5.93 18.74 -1.87
CA ASN A 82 6.54 17.51 -1.35
C ASN A 82 7.09 17.71 0.06
N VAL A 83 6.43 17.08 1.03
CA VAL A 83 6.84 17.19 2.42
C VAL A 83 7.29 15.84 2.97
N ILE A 84 8.47 15.80 3.59
CA ILE A 84 8.97 14.59 4.24
C ILE A 84 8.69 14.68 5.73
N LEU A 85 7.93 13.71 6.25
CA LEU A 85 7.53 13.71 7.66
C LEU A 85 8.64 13.25 8.60
N THR A 86 8.53 13.65 9.87
CA THR A 86 9.43 13.19 10.92
C THR A 86 9.33 11.68 10.99
N ASN A 87 8.28 11.18 10.37
CA ASN A 87 7.95 9.77 10.33
C ASN A 87 8.84 9.00 9.38
N GLY A 88 9.58 9.73 8.55
CA GLY A 88 10.29 9.12 7.44
C GLY A 88 9.34 8.96 6.28
N ALA A 89 8.05 9.14 6.57
CA ALA A 89 7.00 9.08 5.57
C ALA A 89 7.13 10.26 4.61
N ARG A 90 6.43 10.15 3.48
CA ARG A 90 6.40 11.24 2.51
C ARG A 90 4.97 11.70 2.25
N LEU A 91 4.75 13.00 2.33
CA LEU A 91 3.48 13.62 1.94
C LEU A 91 3.70 14.49 0.71
N TYR A 92 3.00 14.20 -0.37
CA TYR A 92 3.11 15.03 -1.56
C TYR A 92 1.90 14.87 -2.47
N VAL A 93 1.75 15.78 -3.42
CA VAL A 93 0.70 15.69 -4.42
C VAL A 93 1.19 14.91 -5.64
N ASP A 94 0.48 13.84 -5.98
CA ASP A 94 0.84 13.01 -7.13
C ASP A 94 -0.39 12.68 -7.95
N HIS A 95 -0.39 13.10 -9.22
CA HIS A 95 -1.53 12.88 -10.10
C HIS A 95 -2.76 13.60 -9.57
N ALA A 96 -2.56 14.78 -9.01
CA ALA A 96 -3.64 15.58 -8.46
C ALA A 96 -4.34 14.87 -7.29
N HIS A 97 -3.60 13.99 -6.63
CA HIS A 97 -4.09 13.31 -5.43
C HIS A 97 -3.10 13.51 -4.30
N PRO A 98 -3.60 13.72 -3.08
CA PRO A 98 -2.67 13.75 -1.95
C PRO A 98 -2.10 12.35 -1.74
N GLU A 99 -0.79 12.22 -1.63
CA GLU A 99 -0.17 10.90 -1.52
C GLU A 99 0.58 10.75 -0.20
N TYR A 100 0.51 9.56 0.38
CA TYR A 100 1.29 9.26 1.56
C TYR A 100 2.19 8.04 1.32
N SER A 101 3.50 8.28 1.34
CA SER A 101 4.45 7.20 1.20
C SER A 101 5.06 6.88 2.56
N THR A 102 4.81 5.67 3.01
CA THR A 102 5.34 5.22 4.29
C THR A 102 6.84 5.33 4.29
N PRO A 103 7.45 5.39 5.48
CA PRO A 103 8.90 5.24 5.52
C PRO A 103 9.23 3.82 5.06
N GLU A 104 10.47 3.55 4.71
CA GLU A 104 10.86 2.19 4.35
C GLU A 104 10.72 1.29 5.58
N VAL A 105 10.03 0.17 5.41
CA VAL A 105 9.87 -0.79 6.49
C VAL A 105 10.41 -2.15 6.06
N THR A 106 10.79 -2.97 7.04
CA THR A 106 11.38 -4.27 6.75
C THR A 106 10.39 -5.42 6.82
N ASN A 107 9.16 -5.11 7.21
CA ASN A 107 8.13 -6.15 7.36
C ASN A 107 6.75 -5.65 7.00
N PRO A 108 5.83 -6.59 6.70
CA PRO A 108 4.46 -6.22 6.33
C PRO A 108 3.70 -5.60 7.49
N ARG A 109 4.10 -5.94 8.71
CA ARG A 109 3.43 -5.42 9.90
C ARG A 109 3.69 -3.93 10.06
N ASP A 110 4.97 -3.55 10.05
CA ASP A 110 5.33 -2.15 10.17
C ASP A 110 4.78 -1.36 8.99
N ALA A 111 4.82 -1.96 7.80
CA ALA A 111 4.23 -1.36 6.62
C ALA A 111 2.76 -1.03 6.89
N VAL A 112 2.05 -2.01 7.45
CA VAL A 112 0.68 -1.81 7.90
C VAL A 112 0.61 -0.64 8.88
N LEU A 113 1.52 -0.63 9.84
CA LEU A 113 1.52 0.38 10.91
C LEU A 113 1.71 1.80 10.38
N TRP A 114 2.69 1.98 9.50
CA TRP A 114 3.00 3.29 8.96
C TRP A 114 2.09 3.72 7.82
N ASP A 115 1.42 2.75 7.20
CA ASP A 115 0.40 3.06 6.22
C ASP A 115 -0.83 3.57 6.96
N LYS A 116 -1.22 2.85 7.99
CA LYS A 116 -2.34 3.24 8.83
C LYS A 116 -2.05 4.62 9.38
N ALA A 117 -0.83 4.82 9.86
CA ALA A 117 -0.39 6.12 10.35
C ALA A 117 -0.65 7.19 9.31
N GLY A 118 -0.49 6.83 8.03
CA GLY A 118 -0.73 7.75 6.95
C GLY A 118 -2.19 8.16 6.87
N GLU A 119 -3.08 7.24 7.20
CA GLU A 119 -4.51 7.54 7.23
C GLU A 119 -4.79 8.62 8.28
N ARG A 120 -4.27 8.40 9.48
CA ARG A 120 -4.44 9.34 10.57
C ARG A 120 -3.86 10.69 10.18
N ILE A 121 -2.72 10.64 9.50
CA ILE A 121 -2.06 11.83 8.99
C ILE A 121 -2.93 12.54 7.95
N MET A 122 -3.53 11.77 7.05
CA MET A 122 -4.41 12.32 6.02
C MET A 122 -5.65 12.95 6.62
N ALA A 123 -6.27 12.24 7.56
CA ALA A 123 -7.42 12.77 8.27
C ALA A 123 -7.04 14.09 8.92
N GLU A 124 -5.98 14.07 9.72
CA GLU A 124 -5.55 15.27 10.42
C GLU A 124 -5.29 16.41 9.44
N ALA A 125 -4.59 16.10 8.37
CA ALA A 125 -4.25 17.10 7.36
C ALA A 125 -5.50 17.74 6.78
N ALA A 126 -6.48 16.91 6.45
CA ALA A 126 -7.74 17.37 5.87
C ALA A 126 -8.52 18.26 6.85
N ARG A 127 -8.41 17.96 8.14
CA ARG A 127 -9.08 18.75 9.16
C ARG A 127 -8.44 20.12 9.26
N ARG A 128 -7.12 20.13 9.30
CA ARG A 128 -6.35 21.36 9.37
C ARG A 128 -6.63 22.26 8.17
N ALA A 129 -6.80 21.64 7.00
CA ALA A 129 -7.10 22.39 5.79
C ALA A 129 -8.36 23.23 5.97
N ALA A 130 -9.32 22.69 6.71
CA ALA A 130 -10.54 23.42 7.03
C ALA A 130 -10.27 24.52 8.06
N ASP A 131 -9.30 24.30 8.92
CA ASP A 131 -8.91 25.29 9.93
C ASP A 131 -8.18 26.47 9.30
N LEU A 132 -7.47 26.22 8.20
CA LEU A 132 -6.73 27.26 7.50
C LEU A 132 -7.66 28.37 7.04
N PRO A 133 -7.09 29.55 6.78
CA PRO A 133 -7.87 30.70 6.32
C PRO A 133 -8.71 30.31 5.12
N MET A 134 -8.11 29.59 4.18
CA MET A 134 -8.86 28.98 3.09
C MET A 134 -9.91 28.04 3.69
N GLY A 135 -11.16 28.19 3.28
CA GLY A 135 -12.26 27.50 3.92
C GLY A 135 -12.48 26.04 3.55
N TRP A 136 -11.69 25.52 2.60
CA TRP A 136 -11.97 24.21 2.03
C TRP A 136 -12.10 23.09 3.06
N THR A 137 -13.21 22.35 2.97
CA THR A 137 -13.39 21.14 3.76
C THR A 137 -13.14 19.95 2.84
N ILE A 138 -12.04 19.25 3.07
CA ILE A 138 -11.59 18.22 2.14
C ILE A 138 -11.85 16.81 2.66
N GLN A 139 -12.62 16.06 1.88
CA GLN A 139 -12.85 14.66 2.18
C GLN A 139 -11.74 13.82 1.57
N LEU A 140 -11.19 12.91 2.37
CA LEU A 140 -10.14 12.01 1.91
C LEU A 140 -10.60 10.57 2.09
N TYR A 141 -10.40 9.78 1.04
CA TYR A 141 -10.81 8.38 1.04
C TYR A 141 -9.60 7.54 0.67
N LYS A 142 -9.34 6.48 1.43
CA LYS A 142 -8.25 5.61 1.03
C LYS A 142 -8.91 4.55 0.17
N ASN A 143 -8.78 4.76 -1.14
CA ASN A 143 -9.51 3.97 -2.12
C ASN A 143 -8.84 4.11 -3.47
N ASN A 144 -9.16 3.24 -4.40
CA ASN A 144 -8.51 3.31 -5.70
C ASN A 144 -9.33 3.98 -6.81
N THR A 145 -10.57 4.35 -6.51
CA THR A 145 -11.42 4.95 -7.53
C THR A 145 -12.50 5.87 -6.98
N ASP A 146 -12.85 6.89 -7.76
CA ASP A 146 -13.91 7.83 -7.39
C ASP A 146 -15.25 7.40 -7.97
N ASN A 147 -15.25 6.24 -8.62
CA ASN A 147 -16.44 5.69 -9.25
C ASN A 147 -16.99 6.64 -10.30
N LYS A 148 -16.15 7.59 -10.71
CA LYS A 148 -16.45 8.47 -11.82
C LYS A 148 -15.70 8.02 -13.07
N GLY A 149 -14.90 6.96 -12.92
CA GLY A 149 -14.07 6.48 -14.02
C GLY A 149 -12.60 6.79 -13.83
N ALA A 150 -12.27 7.44 -12.72
CA ALA A 150 -10.90 7.77 -12.39
C ALA A 150 -10.33 6.77 -11.40
N SER A 151 -9.08 6.36 -11.61
CA SER A 151 -8.44 5.39 -10.73
C SER A 151 -7.04 5.83 -10.30
N TYR A 152 -6.85 6.01 -9.00
CA TYR A 152 -5.54 6.31 -8.42
C TYR A 152 -5.05 5.11 -7.64
N GLY A 153 -3.76 4.82 -7.76
CA GLY A 153 -3.22 3.59 -7.21
C GLY A 153 -2.65 3.67 -5.81
N CYS A 154 -2.70 2.53 -5.11
CA CYS A 154 -1.97 2.35 -3.87
C CYS A 154 -0.76 1.50 -4.24
N HIS A 155 0.41 2.13 -4.25
CA HIS A 155 1.62 1.46 -4.75
C HIS A 155 2.36 0.74 -3.63
N GLU A 156 2.87 -0.44 -3.94
CA GLU A 156 3.67 -1.19 -2.99
C GLU A 156 5.04 -1.40 -3.57
N ASN A 157 6.06 -0.89 -2.86
CA ASN A 157 7.43 -1.02 -3.30
C ASN A 157 8.16 -2.11 -2.54
N TYR A 158 8.90 -2.95 -3.24
CA TYR A 158 9.68 -4.00 -2.61
C TYR A 158 11.13 -3.94 -3.07
N LEU A 159 12.05 -4.17 -2.15
CA LEU A 159 13.46 -4.25 -2.50
C LEU A 159 13.83 -5.66 -2.89
N MET A 160 14.28 -5.83 -4.12
CA MET A 160 14.67 -7.14 -4.63
C MET A 160 16.11 -7.10 -5.10
N ASN A 161 16.73 -8.28 -5.16
CA ASN A 161 18.05 -8.39 -5.75
C ASN A 161 17.98 -7.98 -7.21
N ARG A 162 18.86 -7.05 -7.60
CA ARG A 162 18.94 -6.62 -8.98
C ARG A 162 19.24 -7.82 -9.87
N SER A 163 19.93 -8.81 -9.30
CA SER A 163 20.33 -10.02 -10.02
C SER A 163 19.15 -10.92 -10.37
N THR A 164 18.00 -10.66 -9.75
CA THR A 164 16.80 -11.43 -10.03
C THR A 164 16.27 -11.09 -11.42
N PRO A 165 16.24 -12.08 -12.32
CA PRO A 165 15.76 -11.84 -13.69
C PRO A 165 14.36 -11.25 -13.65
N PHE A 166 14.16 -10.14 -14.37
CA PHE A 166 12.87 -9.47 -14.37
C PHE A 166 11.80 -10.35 -15.03
N ALA A 167 12.25 -11.22 -15.93
CA ALA A 167 11.36 -12.14 -16.62
C ALA A 167 10.76 -13.17 -15.67
N ASP A 168 11.56 -13.61 -14.70
CA ASP A 168 11.09 -14.54 -13.68
C ASP A 168 10.11 -13.83 -12.76
N ILE A 169 10.42 -12.60 -12.42
CA ILE A 169 9.55 -11.76 -11.61
C ILE A 169 8.18 -11.67 -12.27
N VAL A 170 8.16 -11.21 -13.51
CA VAL A 170 6.92 -11.06 -14.26
C VAL A 170 6.17 -12.37 -14.36
N ARG A 171 6.90 -13.45 -14.63
CA ARG A 171 6.29 -14.76 -14.85
C ARG A 171 5.53 -15.25 -13.63
N HIS A 172 6.20 -15.22 -12.48
CA HIS A 172 5.58 -15.70 -11.24
C HIS A 172 4.82 -14.63 -10.46
N LEU A 173 5.06 -13.37 -10.78
CA LEU A 173 4.33 -12.28 -10.14
C LEU A 173 2.95 -12.06 -10.76
N ILE A 174 2.88 -12.11 -12.08
CA ILE A 174 1.63 -11.80 -12.76
C ILE A 174 0.47 -12.64 -12.23
N PRO A 175 0.62 -13.97 -12.27
CA PRO A 175 -0.43 -14.88 -11.78
C PRO A 175 -0.79 -14.57 -10.34
N PHE A 176 0.23 -14.21 -9.54
CA PHE A 176 0.03 -13.88 -8.14
C PHE A 176 -0.79 -12.60 -7.97
N PHE A 177 -0.43 -11.54 -8.67
CA PHE A 177 -1.12 -10.26 -8.54
C PHE A 177 -2.56 -10.35 -9.01
N VAL A 178 -2.80 -11.14 -10.03
CA VAL A 178 -4.12 -11.27 -10.60
C VAL A 178 -5.06 -11.92 -9.59
N THR A 179 -4.55 -12.92 -8.88
CA THR A 179 -5.37 -13.73 -7.98
C THR A 179 -5.30 -13.32 -6.52
N ARG A 180 -4.46 -12.34 -6.18
CA ARG A 180 -4.29 -11.96 -4.78
C ARG A 180 -5.39 -11.01 -4.32
N GLN A 181 -6.16 -10.50 -5.28
CA GLN A 181 -7.25 -9.59 -4.96
C GLN A 181 -8.33 -10.29 -4.14
N VAL A 182 -8.25 -11.61 -4.08
CA VAL A 182 -9.22 -12.38 -3.31
C VAL A 182 -9.28 -11.86 -1.86
N PHE A 183 -8.15 -11.87 -1.18
CA PHE A 183 -8.05 -11.20 0.13
C PHE A 183 -7.75 -9.70 0.04
N CYS A 184 -6.92 -9.31 -0.93
CA CYS A 184 -6.44 -7.94 -1.00
C CYS A 184 -7.47 -6.94 -1.50
N GLY A 185 -8.43 -7.39 -2.30
CA GLY A 185 -9.42 -6.50 -2.88
C GLY A 185 -10.14 -5.66 -1.84
N ALA A 186 -10.08 -4.35 -2.02
CA ALA A 186 -10.83 -3.43 -1.16
C ALA A 186 -12.32 -3.60 -1.42
N GLY A 187 -12.62 -4.07 -2.63
CA GLY A 187 -13.99 -4.28 -3.05
C GLY A 187 -14.48 -3.02 -3.74
N ARG A 188 -15.31 -3.20 -4.76
CA ARG A 188 -15.83 -2.07 -5.50
C ARG A 188 -17.24 -2.34 -6.01
N VAL A 189 -18.11 -1.34 -5.85
CA VAL A 189 -19.46 -1.43 -6.40
C VAL A 189 -19.47 -0.83 -7.79
N GLY A 190 -19.93 -1.62 -8.75
CA GLY A 190 -19.92 -1.24 -10.15
C GLY A 190 -18.79 -1.94 -10.89
N ILE A 191 -19.04 -2.27 -12.14
CA ILE A 191 -18.09 -3.03 -12.93
C ILE A 191 -17.58 -2.18 -14.07
N GLY A 192 -16.36 -2.46 -14.51
CA GLY A 192 -15.72 -1.64 -15.53
C GLY A 192 -15.23 -0.33 -14.94
N ALA A 193 -14.33 0.34 -15.65
CA ALA A 193 -13.76 1.58 -15.16
C ALA A 193 -14.84 2.62 -14.85
N ASP A 194 -15.82 2.73 -15.74
CA ASP A 194 -16.89 3.72 -15.58
C ASP A 194 -17.72 3.48 -14.32
N GLY A 195 -17.81 2.23 -13.91
CA GLY A 195 -18.56 1.89 -12.71
C GLY A 195 -20.06 1.80 -12.97
N ARG A 196 -20.46 2.10 -14.20
CA ARG A 196 -21.86 2.03 -14.57
C ARG A 196 -22.33 0.58 -14.61
N GLY A 197 -21.40 -0.34 -14.84
CA GLY A 197 -21.71 -1.75 -14.84
C GLY A 197 -22.25 -2.21 -13.49
N GLU A 198 -23.44 -2.79 -13.49
CA GLU A 198 -24.08 -3.19 -12.24
C GLU A 198 -23.46 -4.45 -11.69
N GLY A 199 -22.94 -4.37 -10.47
CA GLY A 199 -22.33 -5.51 -9.82
C GLY A 199 -21.32 -5.14 -8.76
N PHE A 200 -20.86 -6.13 -8.00
CA PHE A 200 -19.83 -5.92 -7.00
C PHE A 200 -18.61 -6.74 -7.35
N GLN A 201 -17.44 -6.14 -7.21
CA GLN A 201 -16.20 -6.82 -7.51
C GLN A 201 -15.22 -6.74 -6.36
N LEU A 202 -14.23 -7.62 -6.39
CA LEU A 202 -13.19 -7.68 -5.37
C LEU A 202 -12.26 -6.48 -5.46
N SER A 203 -11.75 -6.23 -6.65
CA SER A 203 -10.73 -5.21 -6.85
C SER A 203 -11.29 -3.88 -7.32
N GLN A 204 -10.80 -2.80 -6.73
CA GLN A 204 -11.12 -1.47 -7.22
C GLN A 204 -10.26 -1.10 -8.41
N ARG A 205 -9.04 -1.65 -8.46
CA ARG A 205 -8.09 -1.30 -9.51
C ARG A 205 -8.13 -2.23 -10.72
N ALA A 206 -8.84 -3.34 -10.58
CA ALA A 206 -8.80 -4.41 -11.59
C ALA A 206 -9.22 -3.95 -12.99
N ASP A 207 -10.24 -3.12 -13.06
CA ASP A 207 -10.79 -2.70 -14.34
C ASP A 207 -9.89 -1.67 -15.03
N PHE A 208 -8.91 -1.16 -14.31
CA PHE A 208 -8.08 -0.08 -14.84
C PHE A 208 -6.75 -0.52 -15.45
N PHE A 209 -6.51 -1.82 -15.51
CA PHE A 209 -5.28 -2.34 -16.11
C PHE A 209 -5.50 -3.04 -17.45
N GLU A 210 -5.05 -2.40 -18.53
CA GLU A 210 -5.10 -2.99 -19.88
C GLU A 210 -3.94 -3.93 -20.19
N VAL A 211 -2.74 -3.56 -19.76
CA VAL A 211 -1.54 -4.32 -20.11
C VAL A 211 -0.93 -5.06 -18.92
N GLU A 212 -0.29 -6.19 -19.20
CA GLU A 212 0.35 -6.98 -18.16
C GLU A 212 1.72 -6.45 -17.73
N VAL A 213 2.57 -6.11 -18.70
CA VAL A 213 3.89 -5.59 -18.38
C VAL A 213 4.19 -4.31 -19.15
N GLY A 214 4.89 -3.39 -18.48
CA GLY A 214 5.26 -2.13 -19.09
C GLY A 214 5.45 -1.02 -18.07
N LEU A 215 5.74 0.17 -18.56
CA LEU A 215 5.88 1.33 -17.71
C LEU A 215 4.51 1.93 -17.44
N GLU A 216 4.29 2.42 -16.23
CA GLU A 216 2.99 3.00 -15.90
C GLU A 216 2.88 4.40 -16.51
N THR A 217 1.87 4.57 -17.35
CA THR A 217 1.61 5.85 -17.97
C THR A 217 0.19 6.28 -17.63
N THR A 218 -0.21 7.45 -18.11
CA THR A 218 -1.55 7.93 -17.90
C THR A 218 -2.54 7.11 -18.73
N LEU A 219 -2.11 6.77 -19.94
CA LEU A 219 -2.96 6.03 -20.88
C LEU A 219 -3.09 4.55 -20.53
N LYS A 220 -1.96 3.88 -20.32
CA LYS A 220 -1.98 2.45 -19.99
C LYS A 220 -1.53 2.17 -18.55
N ARG A 221 -2.10 1.12 -17.97
CA ARG A 221 -1.83 0.77 -16.58
C ARG A 221 -1.46 -0.70 -16.45
N PRO A 222 -0.15 -0.99 -16.45
CA PRO A 222 0.39 -2.36 -16.45
C PRO A 222 0.20 -3.09 -15.12
N ILE A 223 0.01 -4.41 -15.19
CA ILE A 223 -0.02 -5.24 -13.99
C ILE A 223 1.35 -5.22 -13.34
N ILE A 224 2.37 -5.53 -14.13
CA ILE A 224 3.74 -5.47 -13.67
C ILE A 224 4.38 -4.19 -14.20
N ASN A 225 4.65 -3.24 -13.32
CA ASN A 225 5.27 -1.98 -13.71
C ASN A 225 6.76 -2.16 -13.96
N THR A 226 7.25 -1.57 -15.05
CA THR A 226 8.65 -1.75 -15.44
C THR A 226 9.57 -0.70 -14.82
N ARG A 227 8.98 0.32 -14.20
CA ARG A 227 9.77 1.40 -13.63
C ARG A 227 10.70 0.89 -12.55
N ASP A 228 11.99 1.13 -12.72
CA ASP A 228 12.96 0.78 -11.69
C ASP A 228 13.59 2.06 -11.18
N GLU A 229 13.23 2.43 -9.95
CA GLU A 229 13.79 3.59 -9.28
C GLU A 229 14.14 3.18 -7.86
N PRO A 230 15.21 2.39 -7.72
CA PRO A 230 15.60 1.76 -6.46
C PRO A 230 15.65 2.74 -5.30
N HIS A 231 16.18 3.93 -5.56
CA HIS A 231 16.47 4.87 -4.48
C HIS A 231 17.43 4.18 -3.51
N ALA A 232 18.14 3.20 -4.04
CA ALA A 232 19.13 2.41 -3.32
C ALA A 232 20.16 1.97 -4.35
N ASP A 233 21.31 1.49 -3.89
CA ASP A 233 22.36 1.13 -4.83
C ASP A 233 21.74 0.23 -5.89
N PRO A 234 21.82 0.67 -7.15
CA PRO A 234 21.13 0.03 -8.29
C PRO A 234 21.61 -1.39 -8.58
N GLU A 235 22.91 -1.62 -8.43
CA GLU A 235 23.47 -2.95 -8.67
C GLU A 235 23.00 -3.95 -7.62
N LYS A 236 22.92 -3.49 -6.38
CA LYS A 236 22.51 -4.35 -5.27
C LYS A 236 21.00 -4.54 -5.19
N TYR A 237 20.23 -3.46 -5.39
CA TYR A 237 18.79 -3.51 -5.16
C TYR A 237 17.96 -3.07 -6.36
N ARG A 238 16.87 -3.82 -6.59
CA ARG A 238 15.84 -3.41 -7.54
C ARG A 238 14.57 -3.14 -6.76
N ARG A 239 13.97 -1.97 -6.97
CA ARG A 239 12.73 -1.65 -6.30
C ARG A 239 11.57 -2.06 -7.19
N LEU A 240 10.85 -3.09 -6.76
CA LEU A 240 9.69 -3.56 -7.49
C LEU A 240 8.52 -2.64 -7.17
N HIS A 241 7.98 -2.02 -8.21
CA HIS A 241 6.89 -1.08 -8.04
C HIS A 241 5.58 -1.79 -8.38
N VAL A 242 4.78 -2.07 -7.36
CA VAL A 242 3.54 -2.81 -7.55
C VAL A 242 2.35 -1.86 -7.52
N ILE A 243 1.75 -1.65 -8.69
CA ILE A 243 0.67 -0.68 -8.82
C ILE A 243 -0.72 -1.30 -8.82
N ILE A 244 -0.78 -2.62 -8.81
CA ILE A 244 -2.04 -3.31 -9.04
C ILE A 244 -2.93 -3.42 -7.81
N GLY A 245 -2.35 -3.16 -6.64
CA GLY A 245 -3.07 -3.36 -5.40
C GLY A 245 -4.08 -2.27 -5.08
N ASP A 246 -5.16 -2.66 -4.43
CA ASP A 246 -6.13 -1.71 -3.90
C ASP A 246 -5.64 -1.24 -2.55
N ALA A 247 -5.77 0.06 -2.28
CA ALA A 247 -5.50 0.57 -0.96
C ALA A 247 -6.46 -0.11 -0.01
N ASN A 248 -5.91 -0.75 1.02
CA ASN A 248 -6.73 -1.48 1.96
C ASN A 248 -6.90 -0.69 3.23
N MET A 249 -8.12 -0.68 3.76
CA MET A 249 -8.37 -0.13 5.08
C MET A 249 -7.98 -1.15 6.14
N SER A 250 -8.46 -2.39 5.94
CA SER A 250 -8.17 -3.48 6.86
C SER A 250 -6.67 -3.72 7.01
N GLU A 251 -6.21 -3.70 8.26
CA GLU A 251 -4.80 -3.91 8.55
C GLU A 251 -4.35 -5.33 8.18
N ILE A 252 -5.26 -6.28 8.26
CA ILE A 252 -4.93 -7.65 7.88
C ILE A 252 -4.70 -7.75 6.38
N ALA A 253 -5.62 -7.18 5.61
CA ALA A 253 -5.52 -7.22 4.16
C ALA A 253 -4.18 -6.65 3.68
N THR A 254 -3.81 -5.48 4.21
CA THR A 254 -2.52 -4.88 3.90
C THR A 254 -1.38 -5.79 4.31
N TYR A 255 -1.47 -6.32 5.54
CA TYR A 255 -0.50 -7.27 6.04
C TYR A 255 -0.31 -8.43 5.05
N LEU A 256 -1.41 -9.05 4.65
CA LEU A 256 -1.37 -10.16 3.71
C LEU A 256 -0.88 -9.73 2.33
N LYS A 257 -1.35 -8.57 1.89
CA LYS A 257 -0.95 -8.04 0.59
C LYS A 257 0.56 -7.91 0.51
N LEU A 258 1.14 -7.24 1.51
CA LEU A 258 2.58 -7.03 1.56
C LEU A 258 3.32 -8.31 1.93
N GLY A 259 2.77 -9.05 2.88
CA GLY A 259 3.40 -10.27 3.39
C GLY A 259 3.48 -11.38 2.37
N THR A 260 2.33 -11.77 1.81
CA THR A 260 2.27 -12.82 0.82
C THR A 260 3.13 -12.47 -0.39
N THR A 261 3.04 -11.22 -0.83
CA THR A 261 3.86 -10.76 -1.95
C THR A 261 5.33 -10.89 -1.61
N ALA A 262 5.70 -10.41 -0.41
CA ALA A 262 7.07 -10.49 0.05
C ALA A 262 7.53 -11.95 0.02
N LEU A 263 6.67 -12.85 0.47
CA LEU A 263 6.96 -14.28 0.39
C LEU A 263 7.24 -14.69 -1.04
N VAL A 264 6.29 -14.42 -1.92
CA VAL A 264 6.41 -14.78 -3.33
C VAL A 264 7.68 -14.18 -3.96
N LEU A 265 8.02 -12.96 -3.56
CA LEU A 265 9.24 -12.31 -4.05
C LEU A 265 10.49 -13.06 -3.61
N ALA A 266 10.44 -13.63 -2.42
CA ALA A 266 11.55 -14.41 -1.90
C ALA A 266 11.78 -15.65 -2.77
N MET A 267 10.72 -16.39 -3.04
CA MET A 267 10.79 -17.58 -3.87
C MET A 267 11.31 -17.24 -5.26
N ILE A 268 10.95 -16.05 -5.75
CA ILE A 268 11.39 -15.63 -7.07
C ILE A 268 12.87 -15.29 -7.06
N GLU A 269 13.34 -14.73 -5.95
CA GLU A 269 14.74 -14.35 -5.82
C GLU A 269 15.63 -15.58 -5.66
N ASP A 270 15.09 -16.63 -5.05
CA ASP A 270 15.82 -17.87 -4.88
C ASP A 270 15.54 -18.84 -6.02
N GLY A 271 14.76 -18.39 -6.99
CA GLY A 271 14.40 -19.22 -8.11
C GLY A 271 13.79 -20.53 -7.64
N PHE A 272 12.96 -20.43 -6.61
CA PHE A 272 12.39 -21.61 -5.97
C PHE A 272 11.26 -22.22 -6.79
N LEU A 273 10.47 -21.39 -7.47
CA LEU A 273 9.31 -21.90 -8.18
C LEU A 273 9.74 -22.73 -9.38
N SER A 274 9.35 -24.00 -9.38
CA SER A 274 9.67 -24.91 -10.46
C SER A 274 8.69 -24.77 -11.60
N GLN A 275 7.41 -24.64 -11.25
CA GLN A 275 6.34 -24.64 -12.23
C GLN A 275 6.09 -23.25 -12.79
N ASP A 276 5.15 -23.17 -13.72
CA ASP A 276 4.78 -21.90 -14.32
C ASP A 276 3.31 -21.62 -14.04
N PHE A 277 3.05 -20.59 -13.25
CA PHE A 277 1.69 -20.23 -12.87
C PHE A 277 1.09 -19.26 -13.88
N SER A 278 1.86 -18.92 -14.91
CA SER A 278 1.44 -17.91 -15.88
C SER A 278 0.05 -18.23 -16.43
N VAL A 279 -0.77 -17.19 -16.55
CA VAL A 279 -2.14 -17.34 -17.00
C VAL A 279 -2.36 -16.66 -18.34
N GLU A 280 -3.10 -17.31 -19.22
CA GLU A 280 -3.46 -16.72 -20.50
C GLU A 280 -4.46 -15.59 -20.26
N SER A 281 -4.24 -14.46 -20.92
CA SER A 281 -5.08 -13.27 -20.71
C SER A 281 -5.10 -12.90 -19.23
N PRO A 282 -3.91 -12.72 -18.64
CA PRO A 282 -3.80 -12.39 -17.21
C PRO A 282 -4.58 -11.11 -16.89
N VAL A 283 -4.46 -10.11 -17.75
CA VAL A 283 -5.21 -8.87 -17.59
C VAL A 283 -6.72 -9.13 -17.59
N GLY A 284 -7.17 -10.01 -18.48
CA GLY A 284 -8.56 -10.38 -18.52
C GLY A 284 -8.96 -11.22 -17.32
N ALA A 285 -8.12 -12.20 -16.98
CA ALA A 285 -8.35 -13.04 -15.82
C ALA A 285 -8.35 -12.19 -14.57
N LEU A 286 -7.52 -11.16 -14.57
CA LEU A 286 -7.49 -10.21 -13.46
C LEU A 286 -8.88 -9.63 -13.23
N ARG A 287 -9.45 -9.01 -14.27
CA ARG A 287 -10.77 -8.43 -14.15
C ARG A 287 -11.80 -9.51 -13.84
N ALA A 288 -11.66 -10.65 -14.52
CA ALA A 288 -12.58 -11.78 -14.32
C ALA A 288 -12.72 -12.13 -12.85
N VAL A 289 -11.58 -12.39 -12.21
CA VAL A 289 -11.55 -12.67 -10.78
C VAL A 289 -12.26 -11.57 -10.01
N SER A 290 -11.85 -10.32 -10.23
CA SER A 290 -12.49 -9.19 -9.55
C SER A 290 -13.99 -9.19 -9.77
N HIS A 291 -14.40 -9.48 -11.02
CA HIS A 291 -15.80 -9.40 -11.41
C HIS A 291 -16.64 -10.51 -10.79
N ASP A 292 -15.97 -11.55 -10.29
CA ASP A 292 -16.68 -12.63 -9.63
C ASP A 292 -16.33 -12.62 -8.14
N PRO A 293 -17.27 -12.10 -7.32
CA PRO A 293 -17.13 -12.06 -5.86
C PRO A 293 -17.27 -13.45 -5.26
N THR A 294 -17.83 -14.37 -6.02
CA THR A 294 -18.00 -15.74 -5.58
C THR A 294 -16.71 -16.53 -5.67
N LEU A 295 -15.77 -16.04 -6.46
CA LEU A 295 -14.49 -16.71 -6.63
C LEU A 295 -14.66 -18.12 -7.17
N ARG A 296 -15.76 -18.33 -7.89
CA ARG A 296 -15.99 -19.61 -8.52
C ARG A 296 -15.16 -19.73 -9.80
N TYR A 297 -15.03 -18.62 -10.51
CA TYR A 297 -14.37 -18.62 -11.81
C TYR A 297 -12.92 -19.07 -11.75
N GLN A 298 -12.57 -20.01 -12.62
CA GLN A 298 -11.20 -20.51 -12.65
C GLN A 298 -10.42 -19.88 -13.79
N LEU A 299 -9.16 -19.59 -13.51
CA LEU A 299 -8.26 -19.02 -14.51
C LEU A 299 -7.75 -20.15 -15.40
N ARG A 300 -7.47 -19.82 -16.66
CA ARG A 300 -6.89 -20.81 -17.55
C ARG A 300 -5.37 -20.61 -17.58
N LEU A 301 -4.64 -21.71 -17.38
CA LEU A 301 -3.18 -21.64 -17.28
C LEU A 301 -2.51 -22.15 -18.55
N HIS A 302 -1.35 -21.58 -18.88
CA HIS A 302 -0.62 -21.99 -20.08
C HIS A 302 -0.23 -23.46 -20.03
N ASP A 303 -0.35 -24.07 -18.86
CA ASP A 303 -0.17 -25.52 -18.74
C ASP A 303 -1.49 -26.23 -19.00
N GLY A 304 -2.56 -25.45 -19.13
CA GLY A 304 -3.87 -25.97 -19.44
C GLY A 304 -4.78 -26.17 -18.23
N ARG A 305 -4.17 -26.31 -17.06
CA ARG A 305 -4.93 -26.56 -15.84
C ARG A 305 -5.79 -25.36 -15.48
N ARG A 306 -7.01 -25.61 -15.01
CA ARG A 306 -7.92 -24.54 -14.59
C ARG A 306 -7.98 -24.41 -13.07
N LEU A 307 -7.77 -23.19 -12.58
CA LEU A 307 -7.79 -22.92 -11.16
C LEU A 307 -8.48 -21.60 -10.86
N THR A 308 -9.21 -21.55 -9.75
CA THR A 308 -9.78 -20.31 -9.26
C THR A 308 -8.68 -19.46 -8.64
N ALA A 309 -8.95 -18.16 -8.52
CA ALA A 309 -7.99 -17.24 -7.94
C ALA A 309 -7.46 -17.78 -6.61
N VAL A 310 -8.37 -18.28 -5.79
CA VAL A 310 -8.02 -18.77 -4.46
C VAL A 310 -7.19 -20.05 -4.53
N GLN A 311 -7.53 -20.94 -5.45
CA GLN A 311 -6.76 -22.16 -5.64
C GLN A 311 -5.35 -21.83 -6.09
N LEU A 312 -5.22 -20.87 -7.01
CA LEU A 312 -3.92 -20.44 -7.48
C LEU A 312 -3.10 -19.82 -6.35
N GLN A 313 -3.77 -19.05 -5.51
CA GLN A 313 -3.14 -18.48 -4.33
C GLN A 313 -2.68 -19.59 -3.40
N MET A 314 -3.46 -20.66 -3.31
CA MET A 314 -3.10 -21.80 -2.49
C MET A 314 -1.86 -22.49 -3.05
N GLU A 315 -1.77 -22.54 -4.38
CA GLU A 315 -0.59 -23.07 -5.04
C GLU A 315 0.65 -22.28 -4.65
N TYR A 316 0.53 -20.95 -4.71
CA TYR A 316 1.61 -20.09 -4.25
C TYR A 316 1.89 -20.33 -2.78
N LEU A 317 0.82 -20.48 -2.01
CA LEU A 317 0.92 -20.69 -0.57
C LEU A 317 1.78 -21.91 -0.23
N GLU A 318 1.30 -23.10 -0.61
CA GLU A 318 2.02 -24.33 -0.29
C GLU A 318 3.42 -24.30 -0.86
N GLN A 319 3.58 -23.65 -2.01
CA GLN A 319 4.91 -23.43 -2.58
C GLN A 319 5.71 -22.52 -1.64
N ALA A 320 5.02 -21.55 -1.04
CA ALA A 320 5.66 -20.62 -0.12
C ALA A 320 6.06 -21.35 1.16
N ARG A 321 5.14 -22.17 1.67
CA ARG A 321 5.44 -23.00 2.83
C ARG A 321 6.60 -23.93 2.51
N LYS A 322 6.50 -24.59 1.36
CA LYS A 322 7.52 -25.52 0.91
C LYS A 322 8.88 -24.82 0.76
N TYR A 323 8.84 -23.53 0.46
CA TYR A 323 10.06 -22.74 0.30
C TYR A 323 10.68 -22.35 1.64
N VAL A 324 9.83 -21.88 2.54
CA VAL A 324 10.30 -21.40 3.84
C VAL A 324 10.79 -22.56 4.71
N GLU A 325 10.15 -23.72 4.55
CA GLU A 325 10.55 -24.92 5.27
C GLU A 325 11.92 -25.39 4.81
N ASP A 326 12.15 -25.33 3.50
CA ASP A 326 13.41 -25.75 2.90
C ASP A 326 14.56 -24.86 3.36
N ARG A 327 14.31 -23.55 3.39
CA ARG A 327 15.34 -22.58 3.72
C ARG A 327 15.37 -22.26 5.23
N PHE A 328 14.28 -21.69 5.74
CA PHE A 328 14.21 -21.30 7.14
C PHE A 328 14.25 -22.49 8.12
N GLY A 329 13.56 -23.57 7.78
CA GLY A 329 13.46 -24.69 8.69
C GLY A 329 12.79 -24.30 9.99
N THR A 330 13.47 -24.54 11.11
CA THR A 330 12.94 -24.19 12.43
C THR A 330 13.12 -22.72 12.79
N ASP A 331 14.12 -22.07 12.18
CA ASP A 331 14.47 -20.69 12.49
C ASP A 331 13.43 -19.69 11.95
N VAL A 332 12.44 -20.20 11.21
CA VAL A 332 11.44 -19.35 10.56
C VAL A 332 10.82 -18.34 11.52
N ASP A 333 10.73 -17.09 11.08
CA ASP A 333 10.20 -16.01 11.91
C ASP A 333 8.75 -16.26 12.31
N ASP A 334 8.35 -15.70 13.44
CA ASP A 334 6.96 -15.78 13.86
C ASP A 334 6.08 -15.07 12.83
N MET A 335 6.58 -13.95 12.32
CA MET A 335 5.84 -13.14 11.35
C MET A 335 5.71 -13.85 10.00
N THR A 336 6.78 -14.53 9.58
CA THR A 336 6.76 -15.33 8.37
C THR A 336 5.70 -16.41 8.44
N ARG A 337 5.63 -17.11 9.56
CA ARG A 337 4.62 -18.17 9.74
C ARG A 337 3.24 -17.57 9.95
N ASP A 338 3.19 -16.38 10.56
CA ASP A 338 1.94 -15.67 10.76
C ASP A 338 1.33 -15.30 9.40
N VAL A 339 2.14 -14.68 8.54
CA VAL A 339 1.73 -14.38 7.19
C VAL A 339 1.36 -15.66 6.46
N LEU A 340 2.11 -16.71 6.74
CA LEU A 340 1.87 -18.03 6.15
C LEU A 340 0.51 -18.58 6.55
N ASP A 341 0.25 -18.64 7.85
CA ASP A 341 -1.01 -19.20 8.34
C ASP A 341 -2.18 -18.30 7.99
N ARG A 342 -1.99 -17.00 8.14
CA ARG A 342 -3.03 -16.04 7.80
C ARG A 342 -3.37 -16.15 6.32
N TRP A 343 -2.37 -16.44 5.51
CA TRP A 343 -2.55 -16.60 4.08
C TRP A 343 -3.31 -17.89 3.80
N GLU A 344 -2.93 -18.96 4.49
CA GLU A 344 -3.57 -20.26 4.33
C GLU A 344 -4.99 -20.23 4.88
N THR A 345 -5.13 -19.75 6.11
CA THR A 345 -6.43 -19.64 6.74
C THR A 345 -7.40 -18.86 5.87
N THR A 346 -6.95 -17.69 5.40
CA THR A 346 -7.77 -16.84 4.57
C THR A 346 -8.25 -17.58 3.33
N LEU A 347 -7.33 -18.25 2.64
CA LEU A 347 -7.65 -18.95 1.42
C LEU A 347 -8.60 -20.11 1.67
N VAL A 348 -8.44 -20.77 2.81
CA VAL A 348 -9.35 -21.83 3.21
C VAL A 348 -10.69 -21.23 3.60
N ARG A 349 -10.65 -20.21 4.46
CA ARG A 349 -11.85 -19.49 4.86
C ARG A 349 -12.60 -19.00 3.62
N LEU A 350 -11.85 -18.37 2.71
CA LEU A 350 -12.40 -17.87 1.46
C LEU A 350 -13.12 -18.97 0.67
N ALA A 351 -12.45 -20.11 0.51
CA ALA A 351 -13.02 -21.23 -0.20
C ALA A 351 -14.34 -21.68 0.40
N ASP A 352 -14.35 -21.93 1.71
CA ASP A 352 -15.58 -22.33 2.39
C ASP A 352 -16.65 -21.24 2.34
N ASP A 353 -16.35 -20.11 2.97
CA ASP A 353 -17.21 -18.94 2.86
C ASP A 353 -16.33 -17.69 2.81
N PRO A 354 -16.68 -16.75 1.93
CA PRO A 354 -15.97 -15.46 1.92
C PRO A 354 -16.33 -14.60 3.12
N MET A 355 -17.59 -14.66 3.55
CA MET A 355 -18.13 -13.74 4.56
C MET A 355 -17.58 -13.97 5.97
N GLN A 356 -17.05 -15.16 6.23
CA GLN A 356 -16.49 -15.42 7.55
C GLN A 356 -15.24 -14.57 7.75
N LEU A 357 -14.69 -14.07 6.64
CA LEU A 357 -13.52 -13.21 6.68
C LEU A 357 -13.88 -11.74 6.76
N SER A 358 -15.18 -11.47 6.95
CA SER A 358 -15.70 -10.10 6.98
C SER A 358 -14.96 -9.19 7.97
N ARG A 359 -14.39 -9.78 9.03
CA ARG A 359 -13.58 -8.99 9.97
C ARG A 359 -12.16 -8.75 9.45
N ASP A 360 -11.64 -9.69 8.68
CA ASP A 360 -10.29 -9.59 8.13
C ASP A 360 -10.13 -8.79 6.83
N LEU A 361 -11.04 -9.01 5.88
CA LEU A 361 -10.84 -8.47 4.53
C LEU A 361 -11.77 -7.30 4.20
N ASP A 362 -11.22 -6.32 3.48
CA ASP A 362 -11.98 -5.15 3.07
C ASP A 362 -13.17 -5.51 2.17
N TRP A 363 -12.91 -6.24 1.10
CA TRP A 363 -13.99 -6.54 0.14
C TRP A 363 -15.09 -7.34 0.79
N VAL A 364 -14.73 -8.22 1.72
CA VAL A 364 -15.72 -9.00 2.46
C VAL A 364 -16.40 -8.12 3.50
N ALA A 365 -15.61 -7.33 4.22
CA ALA A 365 -16.14 -6.40 5.20
C ALA A 365 -17.10 -5.43 4.55
N LYS A 366 -16.66 -4.80 3.46
CA LYS A 366 -17.51 -3.88 2.71
C LYS A 366 -18.73 -4.60 2.18
N LEU A 367 -18.51 -5.79 1.62
CA LEU A 367 -19.60 -6.58 1.06
C LEU A 367 -20.65 -6.86 2.13
N SER A 368 -20.17 -7.06 3.37
CA SER A 368 -21.06 -7.23 4.50
C SER A 368 -21.95 -6.00 4.66
N ILE A 369 -21.31 -4.83 4.75
CA ILE A 369 -22.02 -3.56 4.82
C ILE A 369 -22.98 -3.39 3.63
N LEU A 370 -22.53 -3.79 2.45
CA LEU A 370 -23.29 -3.59 1.22
C LEU A 370 -24.49 -4.52 1.12
N GLU A 371 -24.26 -5.81 1.38
CA GLU A 371 -25.32 -6.80 1.35
C GLU A 371 -26.39 -6.48 2.39
N GLY A 372 -25.98 -5.84 3.47
CA GLY A 372 -26.91 -5.42 4.50
C GLY A 372 -27.88 -4.41 3.96
N TYR A 373 -27.35 -3.33 3.38
CA TYR A 373 -28.17 -2.30 2.77
C TYR A 373 -29.12 -2.89 1.73
N ARG A 374 -28.61 -3.80 0.93
CA ARG A 374 -29.39 -4.41 -0.14
C ARG A 374 -30.56 -5.22 0.41
N GLN A 375 -30.28 -6.06 1.40
CA GLN A 375 -31.33 -6.85 2.03
C GLN A 375 -32.34 -5.94 2.73
N ARG A 376 -31.84 -4.98 3.48
CA ARG A 376 -32.70 -4.05 4.21
C ARG A 376 -33.54 -3.18 3.27
N GLU A 377 -32.88 -2.51 2.33
CA GLU A 377 -33.56 -1.60 1.42
C GLU A 377 -33.93 -2.19 0.05
N ASN A 378 -33.58 -3.46 -0.17
CA ASN A 378 -33.87 -4.11 -1.46
C ASN A 378 -33.28 -3.37 -2.66
N LEU A 379 -31.99 -3.08 -2.59
CA LEU A 379 -31.32 -2.31 -3.62
C LEU A 379 -30.50 -3.18 -4.57
N PRO A 380 -30.69 -2.97 -5.88
CA PRO A 380 -29.80 -3.60 -6.87
C PRO A 380 -28.41 -3.02 -6.70
N TRP A 381 -27.40 -3.71 -7.21
CA TRP A 381 -26.04 -3.19 -7.16
C TRP A 381 -25.90 -1.87 -7.91
N SER A 382 -26.90 -1.59 -8.76
CA SER A 382 -26.92 -0.35 -9.54
C SER A 382 -27.32 0.84 -8.66
N ALA A 383 -27.74 0.55 -7.43
CA ALA A 383 -28.14 1.60 -6.51
C ALA A 383 -26.99 2.54 -6.20
N HIS A 384 -27.23 3.84 -6.39
CA HIS A 384 -26.20 4.84 -6.15
C HIS A 384 -25.73 4.81 -4.71
N LYS A 385 -26.66 4.57 -3.80
CA LYS A 385 -26.37 4.49 -2.37
C LYS A 385 -25.25 3.49 -2.08
N LEU A 386 -25.24 2.38 -2.81
CA LEU A 386 -24.23 1.35 -2.62
C LEU A 386 -22.84 1.86 -2.95
N GLN A 387 -22.76 2.76 -3.93
CA GLN A 387 -21.48 3.38 -4.31
C GLN A 387 -21.01 4.36 -3.25
N LEU A 388 -21.95 5.11 -2.70
CA LEU A 388 -21.63 6.06 -1.63
C LEU A 388 -21.18 5.30 -0.40
N VAL A 389 -21.76 4.13 -0.18
CA VAL A 389 -21.37 3.28 0.94
C VAL A 389 -20.00 2.68 0.66
N ASP A 390 -19.80 2.24 -0.58
CA ASP A 390 -18.51 1.75 -1.03
C ASP A 390 -17.42 2.80 -0.80
N LEU A 391 -17.73 4.03 -1.18
CA LEU A 391 -16.79 5.13 -1.03
C LEU A 391 -16.57 5.46 0.44
N GLN A 392 -17.67 5.56 1.18
CA GLN A 392 -17.64 5.96 2.58
C GLN A 392 -16.81 4.99 3.43
N TYR A 393 -16.80 3.72 3.02
CA TYR A 393 -16.02 2.71 3.72
C TYR A 393 -14.57 3.14 3.84
N HIS A 394 -14.09 3.84 2.81
CA HIS A 394 -12.69 4.26 2.73
C HIS A 394 -12.47 5.65 3.29
N ASP A 395 -13.54 6.31 3.70
CA ASP A 395 -13.45 7.65 4.26
C ASP A 395 -12.48 7.65 5.44
N VAL A 396 -11.50 8.56 5.40
CA VAL A 396 -10.46 8.63 6.42
C VAL A 396 -10.98 9.17 7.76
N ARG A 397 -12.08 9.91 7.72
CA ARG A 397 -12.71 10.39 8.94
C ARG A 397 -13.04 9.23 9.88
N PRO A 398 -12.70 9.40 11.16
CA PRO A 398 -12.91 8.33 12.15
C PRO A 398 -14.39 8.03 12.35
N ASP A 399 -15.20 9.09 12.38
CA ASP A 399 -16.63 8.97 12.60
C ASP A 399 -17.36 8.55 11.32
N ARG A 400 -16.98 9.17 10.20
CA ARG A 400 -17.67 8.94 8.94
C ARG A 400 -17.22 7.65 8.24
N GLY A 401 -15.95 7.29 8.40
CA GLY A 401 -15.41 6.11 7.75
C GLY A 401 -16.10 4.85 8.22
N LEU A 402 -16.64 4.09 7.28
CA LEU A 402 -17.33 2.85 7.61
C LEU A 402 -16.38 1.81 8.20
N TYR A 403 -15.21 1.66 7.58
CA TYR A 403 -14.20 0.77 8.14
C TYR A 403 -13.86 1.22 9.55
N ASN A 404 -13.75 2.53 9.74
CA ASN A 404 -13.38 3.10 11.02
C ASN A 404 -14.42 2.84 12.11
N ARG A 405 -15.68 2.84 11.73
CA ARG A 405 -16.75 2.46 12.64
C ARG A 405 -16.65 0.99 13.01
N LEU A 406 -16.48 0.16 11.99
CA LEU A 406 -16.30 -1.27 12.19
C LEU A 406 -15.23 -1.51 13.25
N VAL A 407 -14.15 -0.75 13.14
CA VAL A 407 -13.05 -0.84 14.09
C VAL A 407 -13.50 -0.40 15.48
N ALA A 408 -14.23 0.71 15.53
CA ALA A 408 -14.78 1.22 16.78
C ALA A 408 -15.89 0.33 17.32
N ARG A 409 -16.61 -0.32 16.42
CA ARG A 409 -17.69 -1.22 16.80
C ARG A 409 -17.13 -2.61 17.05
N GLY A 410 -15.80 -2.72 16.92
CA GLY A 410 -15.13 -3.99 17.10
C GLY A 410 -15.41 -4.98 16.00
N ARG A 411 -15.81 -4.48 14.83
CA ARG A 411 -16.20 -5.35 13.71
C ARG A 411 -15.04 -5.71 12.79
N MET A 412 -13.86 -5.21 13.10
CA MET A 412 -12.68 -5.52 12.29
C MET A 412 -11.54 -6.03 13.16
N ASN A 413 -10.78 -6.97 12.62
CA ASN A 413 -9.57 -7.43 13.27
C ASN A 413 -8.42 -6.49 12.96
N LEU A 414 -7.82 -5.94 14.01
CA LEU A 414 -6.65 -5.08 13.85
C LEU A 414 -5.39 -5.87 14.09
N LEU A 415 -4.38 -5.64 13.24
CA LEU A 415 -3.07 -6.25 13.41
C LEU A 415 -2.14 -5.36 14.24
N VAL A 416 -2.54 -4.11 14.44
CA VAL A 416 -1.75 -3.17 15.21
C VAL A 416 -2.63 -2.30 16.11
N ASP A 417 -2.01 -1.63 17.07
CA ASP A 417 -2.72 -0.81 18.03
C ASP A 417 -2.70 0.66 17.63
N GLU A 418 -3.81 1.35 17.89
CA GLU A 418 -3.92 2.77 17.58
C GLU A 418 -2.83 3.59 18.28
N ALA A 419 -2.38 3.11 19.44
CA ALA A 419 -1.33 3.79 20.18
C ALA A 419 -0.03 3.80 19.38
N ALA A 420 0.26 2.66 18.74
CA ALA A 420 1.44 2.54 17.89
C ALA A 420 1.24 3.34 16.61
N VAL A 421 0.01 3.30 16.07
CA VAL A 421 -0.32 4.03 14.85
C VAL A 421 -0.12 5.53 15.05
N ARG A 422 -0.46 6.02 16.24
CA ARG A 422 -0.25 7.42 16.58
C ARG A 422 1.24 7.72 16.63
N THR A 423 1.99 6.84 17.30
CA THR A 423 3.43 7.03 17.44
C THR A 423 4.09 6.93 16.07
N ALA A 424 3.56 6.06 15.23
CA ALA A 424 4.10 5.85 13.89
C ALA A 424 3.82 7.04 13.00
N MET A 425 3.09 8.02 13.53
CA MET A 425 2.86 9.25 12.78
C MET A 425 4.07 10.19 12.87
N HIS A 426 4.56 10.42 14.08
CA HIS A 426 5.75 11.24 14.28
C HIS A 426 7.05 10.43 14.40
N GLU A 427 6.91 9.12 14.55
CA GLU A 427 8.08 8.27 14.81
C GLU A 427 8.37 7.25 13.70
N PRO A 428 9.57 7.33 13.10
CA PRO A 428 9.91 6.43 12.00
C PRO A 428 10.26 5.02 12.44
N PRO A 429 10.51 4.12 11.47
CA PRO A 429 11.03 2.77 11.74
C PRO A 429 12.48 2.83 12.19
N ASN A 430 12.82 1.99 13.16
CA ASN A 430 14.18 1.94 13.68
C ASN A 430 15.10 1.08 12.82
N ASP A 431 14.50 0.17 12.05
CA ASP A 431 15.28 -0.81 11.30
C ASP A 431 15.59 -0.36 9.87
N THR A 432 15.20 0.86 9.55
CA THR A 432 15.40 1.39 8.19
C THR A 432 15.99 2.80 8.20
N ARG A 433 16.57 3.18 7.08
CA ARG A 433 17.15 4.51 6.91
C ARG A 433 16.11 5.60 7.19
N ALA A 434 14.84 5.22 7.15
CA ALA A 434 13.75 6.14 7.46
C ALA A 434 13.99 6.77 8.83
N TYR A 435 14.66 6.03 9.70
CA TYR A 435 14.99 6.51 11.04
C TYR A 435 15.86 7.75 10.94
N PHE A 436 16.94 7.65 10.17
CA PHE A 436 17.84 8.77 9.98
C PHE A 436 17.11 9.94 9.34
N ARG A 437 16.37 9.66 8.27
CA ARG A 437 15.61 10.70 7.59
C ARG A 437 14.60 11.33 8.55
N GLY A 438 13.82 10.49 9.20
CA GLY A 438 12.76 10.96 10.09
C GLY A 438 13.31 11.79 11.23
N ARG A 439 14.23 11.22 11.99
CA ARG A 439 14.82 11.90 13.13
C ARG A 439 15.46 13.23 12.73
N CYS A 440 16.15 13.24 11.60
CA CYS A 440 16.79 14.46 11.10
C CYS A 440 15.79 15.59 10.93
N LEU A 441 14.69 15.31 10.24
CA LEU A 441 13.67 16.32 10.01
C LEU A 441 13.09 16.82 11.33
N ALA A 442 12.92 15.91 12.27
CA ALA A 442 12.41 16.27 13.59
C ALA A 442 13.37 17.21 14.33
N LYS A 443 14.61 16.76 14.54
CA LYS A 443 15.60 17.56 15.25
C LYS A 443 16.26 18.64 14.39
N PHE A 444 16.72 18.24 13.21
CA PHE A 444 17.48 19.11 12.32
C PHE A 444 16.66 19.72 11.19
N GLY A 445 15.35 19.46 11.19
CA GLY A 445 14.50 19.89 10.09
C GLY A 445 14.69 21.34 9.71
N ALA A 446 14.92 22.19 10.71
CA ALA A 446 15.16 23.60 10.49
C ALA A 446 16.35 23.84 9.58
N GLU A 447 17.43 23.10 9.83
CA GLU A 447 18.67 23.25 9.09
C GLU A 447 18.63 22.49 7.77
N ILE A 448 17.61 21.67 7.57
CA ILE A 448 17.49 20.86 6.36
C ILE A 448 16.77 21.60 5.24
N ALA A 449 17.46 21.74 4.11
CA ALA A 449 16.89 22.41 2.94
C ALA A 449 15.95 21.48 2.18
N ALA A 450 16.37 20.22 2.04
CA ALA A 450 15.55 19.23 1.34
C ALA A 450 15.86 17.82 1.82
N ALA A 451 14.87 16.94 1.72
CA ALA A 451 15.07 15.53 2.08
C ALA A 451 14.30 14.63 1.13
N SER A 452 14.81 13.42 0.94
CA SER A 452 14.15 12.41 0.12
C SER A 452 14.61 11.02 0.55
N TRP A 453 14.19 9.99 -0.17
CA TRP A 453 14.63 8.64 0.11
C TRP A 453 16.13 8.53 -0.13
N ASP A 454 16.60 9.27 -1.13
CA ASP A 454 17.99 9.18 -1.58
C ASP A 454 18.98 9.91 -0.69
N SER A 455 18.53 11.00 -0.05
CA SER A 455 19.42 11.77 0.80
C SER A 455 18.69 12.78 1.67
N VAL A 456 19.46 13.46 2.52
CA VAL A 456 18.97 14.58 3.30
C VAL A 456 19.94 15.72 3.06
N ILE A 457 19.47 16.78 2.41
CA ILE A 457 20.34 17.91 2.12
C ILE A 457 20.23 18.98 3.20
N PHE A 458 21.29 19.07 4.01
CA PHE A 458 21.37 20.09 5.04
C PHE A 458 21.89 21.40 4.48
N ASP A 459 21.52 22.49 5.14
CA ASP A 459 22.17 23.77 4.90
C ASP A 459 22.81 24.22 6.19
N LEU A 460 24.14 24.21 6.20
CA LEU A 460 24.89 24.56 7.40
C LEU A 460 25.28 26.03 7.33
N PRO A 461 24.86 26.82 8.34
CA PRO A 461 25.24 28.23 8.33
C PRO A 461 26.76 28.34 8.24
N GLY A 462 27.25 29.13 7.29
CA GLY A 462 28.67 29.28 7.07
C GLY A 462 29.20 28.47 5.90
N ARG A 463 28.37 27.57 5.38
CA ARG A 463 28.75 26.78 4.22
C ARG A 463 27.91 27.16 3.00
N ASP A 464 28.58 27.78 2.02
CA ASP A 464 27.92 28.31 0.84
C ASP A 464 27.21 27.22 0.03
N SER A 465 27.70 25.99 0.16
CA SER A 465 27.14 24.87 -0.58
C SER A 465 26.29 23.98 0.31
N LEU A 466 25.19 23.47 -0.22
CA LEU A 466 24.34 22.55 0.51
C LEU A 466 25.05 21.23 0.72
N GLN A 467 25.00 20.72 1.95
CA GLN A 467 25.62 19.44 2.26
C GLN A 467 24.63 18.29 2.12
N ARG A 468 24.91 17.37 1.21
CA ARG A 468 24.05 16.22 0.97
C ARG A 468 24.61 14.92 1.55
N VAL A 469 23.90 14.37 2.53
CA VAL A 469 24.18 13.02 2.98
C VAL A 469 23.16 12.08 2.38
N PRO A 470 23.59 11.31 1.36
CA PRO A 470 22.68 10.40 0.66
C PRO A 470 22.35 9.24 1.56
N THR A 471 21.09 8.85 1.61
CA THR A 471 20.77 7.58 2.18
C THR A 471 20.52 6.71 0.97
N LEU A 472 21.58 6.00 0.56
CA LEU A 472 21.51 5.05 -0.53
C LEU A 472 21.12 3.68 -0.03
N GLU A 473 21.58 3.37 1.17
CA GLU A 473 21.34 2.10 1.81
C GLU A 473 20.11 2.19 2.71
N PRO A 474 19.01 1.57 2.28
CA PRO A 474 17.75 1.56 3.04
C PRO A 474 17.94 0.91 4.40
N LEU A 475 18.86 -0.05 4.47
CA LEU A 475 19.10 -0.78 5.70
C LEU A 475 20.11 -0.09 6.61
N ARG A 476 20.83 0.90 6.08
CA ARG A 476 21.70 1.72 6.90
C ARG A 476 20.96 2.98 7.38
N GLY A 477 21.64 3.78 8.21
CA GLY A 477 21.00 4.93 8.82
C GLY A 477 19.82 4.52 9.69
N THR A 478 19.93 3.37 10.35
CA THR A 478 18.88 2.91 11.25
C THR A 478 19.13 3.39 12.67
N ARG A 479 18.29 2.94 13.60
CA ARG A 479 18.41 3.33 14.99
C ARG A 479 19.77 2.90 15.54
N ALA A 480 20.23 1.74 15.09
CA ALA A 480 21.50 1.22 15.54
C ALA A 480 22.66 2.03 14.96
N HIS A 481 22.61 2.28 13.66
CA HIS A 481 23.70 2.98 13.00
C HIS A 481 23.80 4.44 13.46
N VAL A 482 22.75 5.21 13.22
CA VAL A 482 22.77 6.64 13.48
C VAL A 482 22.10 7.05 14.79
N GLY A 483 21.54 6.09 15.51
CA GLY A 483 20.73 6.40 16.67
C GLY A 483 21.46 7.26 17.69
N ASP A 484 22.60 6.77 18.17
CA ASP A 484 23.39 7.50 19.15
C ASP A 484 23.84 8.84 18.58
N LEU A 485 24.35 8.80 17.36
CA LEU A 485 24.87 9.98 16.70
C LEU A 485 23.82 11.10 16.66
N LEU A 486 22.59 10.73 16.35
CA LEU A 486 21.50 11.71 16.28
C LEU A 486 21.12 12.23 17.66
N ASP A 487 21.36 11.43 18.69
CA ASP A 487 21.07 11.86 20.06
C ASP A 487 22.13 12.83 20.55
N ARG A 488 23.39 12.58 20.19
CA ARG A 488 24.50 13.38 20.65
C ARG A 488 24.63 14.72 19.90
N CYS A 489 24.46 14.68 18.58
CA CYS A 489 24.64 15.87 17.77
C CYS A 489 23.74 17.02 18.22
N ARG A 490 24.38 18.14 18.54
CA ARG A 490 23.67 19.34 18.98
C ARG A 490 23.11 20.12 17.80
N SER A 491 23.79 20.02 16.66
CA SER A 491 23.43 20.77 15.47
C SER A 491 23.59 19.94 14.21
N ALA A 492 23.02 20.42 13.11
CA ALA A 492 23.17 19.77 11.81
C ALA A 492 24.63 19.84 11.36
N THR A 493 25.24 21.01 11.48
CA THR A 493 26.63 21.18 11.12
C THR A 493 27.47 20.17 11.88
N GLU A 494 27.11 19.94 13.13
CA GLU A 494 27.80 18.97 13.96
C GLU A 494 27.51 17.55 13.46
N LEU A 495 26.29 17.33 13.01
CA LEU A 495 25.89 16.03 12.48
C LEU A 495 26.57 15.74 11.16
N VAL A 496 26.60 16.75 10.28
CA VAL A 496 27.24 16.61 8.98
C VAL A 496 28.72 16.31 9.16
N ALA A 497 29.31 16.93 10.18
CA ALA A 497 30.73 16.72 10.49
C ALA A 497 30.99 15.27 10.89
N ALA A 498 30.15 14.76 11.79
CA ALA A 498 30.26 13.39 12.26
C ALA A 498 30.16 12.39 11.10
N LEU A 499 29.26 12.64 10.16
CA LEU A 499 29.07 11.76 9.02
C LEU A 499 30.24 11.87 8.04
N THR A 500 30.79 13.07 7.91
CA THR A 500 31.93 13.30 7.03
C THR A 500 33.24 13.00 7.77
#